data_5WEU
#
_entry.id   5WEU
#
_cell.length_a   50.840
_cell.length_b   90.841
_cell.length_c   109.538
_cell.angle_alpha   90.00
_cell.angle_beta   90.00
_cell.angle_gamma   90.00
#
_symmetry.space_group_name_H-M   'P 21 21 21'
#
loop_
_entity.id
_entity.type
_entity.pdbx_description
1 polymer 'H-2 class I histocompatibility antigen, D-D alpha chain'
2 polymer Beta-2-microglobulin
3 polymer 'Envelope glycoprotein gp160'
4 non-polymer 1,2-ETHANEDIOL
5 water water
#
loop_
_entity_poly.entity_id
_entity_poly.type
_entity_poly.pdbx_seq_one_letter_code
_entity_poly.pdbx_strand_id
1 'polypeptide(L)'
;MSHSLRYFVTAVSRPGFGEPRYMEVGYVDNTEFVRFDSDAENPRYEPRARWIEQEGPEYWERETRRAKGNEQCFRVDLRT
ALRYYNQSAGGSHTLQWMAGCDVESDGRLLRGYWQFAYDGCDYIALNEDLKTWTAADMAAQITRRKWEQAGAAERDRAYL
EGECVEWLRRYLKNGNATLLRTDPPKAHVTHHRRPEGDVTLRCWALGFYPADITLTWQLNGEELTQEMELVETRPAGDGT
FQKWASVVVPLGKEQKYTCHVEHEGLPEPLTLRWGKE
;
A
2 'polypeptide(L)'
;IQKTPQIQVYSRHPPENGKPNILNCYVTQFHPPHIEIQMLKNGKKIPKVEMSDMSFSKDWSFYILAHTEFTPTETDTYAC
RVKHASMAEPKTVYWDRDM
;
B
3 'polypeptide(L)' RGPGCAFVTI P
#
loop_
_chem_comp.id
_chem_comp.type
_chem_comp.name
_chem_comp.formula
EDO non-polymer 1,2-ETHANEDIOL 'C2 H6 O2'
#
# COMPACT_ATOMS: atom_id res chain seq x y z
N SER A 2 9.16 4.08 16.78
CA SER A 2 8.12 3.04 16.78
C SER A 2 8.08 2.28 15.46
N HIS A 3 7.52 1.07 15.49
CA HIS A 3 7.42 0.23 14.31
C HIS A 3 6.05 -0.43 14.28
N SER A 4 5.71 -1.03 13.14
CA SER A 4 4.42 -1.67 12.98
C SER A 4 4.60 -3.04 12.32
N LEU A 5 3.80 -4.00 12.78
CA LEU A 5 3.62 -5.29 12.10
C LEU A 5 2.17 -5.36 11.67
N ARG A 6 1.92 -5.57 10.37
CA ARG A 6 0.55 -5.55 9.88
C ARG A 6 0.34 -6.64 8.83
N TYR A 7 -0.83 -7.25 8.87
CA TYR A 7 -1.23 -8.25 7.88
C TYR A 7 -2.45 -7.74 7.14
N PHE A 8 -2.44 -7.91 5.82
CA PHE A 8 -3.49 -7.43 4.94
C PHE A 8 -4.09 -8.63 4.22
N VAL A 9 -5.36 -8.91 4.47
CA VAL A 9 -6.02 -10.14 4.03
C VAL A 9 -7.20 -9.79 3.12
N THR A 10 -7.31 -10.48 1.99
CA THR A 10 -8.36 -10.21 1.00
C THR A 10 -8.92 -11.52 0.49
N ALA A 11 -10.24 -11.65 0.48
CA ALA A 11 -10.93 -12.74 -0.21
C ALA A 11 -11.87 -12.13 -1.24
N VAL A 12 -11.86 -12.67 -2.46
CA VAL A 12 -12.70 -12.14 -3.52
C VAL A 12 -13.44 -13.30 -4.16
N SER A 13 -14.77 -13.26 -4.10
CA SER A 13 -15.52 -14.36 -4.68
C SER A 13 -15.58 -14.21 -6.20
N ARG A 14 -15.79 -15.34 -6.87
CA ARG A 14 -15.88 -15.40 -8.33
C ARG A 14 -16.88 -16.48 -8.70
N PRO A 15 -18.17 -16.25 -8.44
CA PRO A 15 -19.17 -17.30 -8.65
C PRO A 15 -19.12 -17.82 -10.08
N GLY A 16 -19.18 -19.15 -10.20
CA GLY A 16 -19.04 -19.80 -11.48
C GLY A 16 -17.63 -20.18 -11.85
N PHE A 17 -16.63 -19.70 -11.10
CA PHE A 17 -15.23 -19.98 -11.37
C PHE A 17 -14.54 -20.58 -10.15
N GLY A 18 -15.28 -21.35 -9.36
CA GLY A 18 -14.71 -21.99 -8.20
C GLY A 18 -14.81 -21.14 -6.96
N GLU A 19 -13.99 -21.48 -5.97
CA GLU A 19 -14.03 -20.83 -4.68
C GLU A 19 -13.32 -19.48 -4.71
N PRO A 20 -13.56 -18.64 -3.72
CA PRO A 20 -12.91 -17.31 -3.71
C PRO A 20 -11.39 -17.41 -3.73
N ARG A 21 -10.77 -16.37 -4.30
CA ARG A 21 -9.33 -16.23 -4.19
C ARG A 21 -9.01 -15.61 -2.85
N TYR A 22 -8.09 -16.22 -2.11
CA TYR A 22 -7.75 -15.80 -0.75
C TYR A 22 -6.26 -15.44 -0.69
N MET A 23 -5.95 -14.24 -0.19
CA MET A 23 -4.58 -13.75 -0.17
C MET A 23 -4.26 -13.09 1.17
N GLU A 24 -3.00 -13.23 1.59
CA GLU A 24 -2.46 -12.50 2.75
C GLU A 24 -1.12 -11.89 2.37
N VAL A 25 -0.85 -10.70 2.88
CA VAL A 25 0.47 -10.08 2.76
C VAL A 25 0.82 -9.46 4.11
N GLY A 26 2.06 -9.66 4.55
CA GLY A 26 2.53 -9.12 5.82
C GLY A 26 3.64 -8.10 5.62
N TYR A 27 3.62 -7.05 6.46
CA TYR A 27 4.57 -5.94 6.42
C TYR A 27 5.13 -5.65 7.80
N VAL A 28 6.41 -5.29 7.85
CA VAL A 28 7.00 -4.56 8.96
C VAL A 28 7.27 -3.16 8.45
N ASP A 29 6.66 -2.16 9.08
CA ASP A 29 6.72 -0.75 8.59
C ASP A 29 6.30 -0.76 7.12
N ASN A 30 7.10 -0.21 6.21
CA ASN A 30 6.78 -0.20 4.78
C ASN A 30 7.52 -1.27 4.01
N THR A 31 7.91 -2.37 4.67
CA THR A 31 8.66 -3.46 4.04
C THR A 31 7.84 -4.74 4.06
N GLU A 32 7.45 -5.21 2.87
CA GLU A 32 6.76 -6.48 2.76
C GLU A 32 7.71 -7.62 3.16
N PHE A 33 7.17 -8.66 3.82
CA PHE A 33 8.05 -9.78 4.12
C PHE A 33 7.45 -11.18 3.99
N VAL A 34 6.12 -11.34 3.90
CA VAL A 34 5.49 -12.65 3.70
C VAL A 34 4.26 -12.49 2.82
N ARG A 35 3.90 -13.59 2.14
CA ARG A 35 2.69 -13.59 1.32
C ARG A 35 2.07 -14.98 1.30
N PHE A 36 0.76 -15.01 1.01
CA PHE A 36 0.02 -16.24 0.75
C PHE A 36 -0.97 -15.98 -0.38
N ASP A 37 -1.13 -16.95 -1.28
CA ASP A 37 -2.04 -16.79 -2.42
C ASP A 37 -2.65 -18.14 -2.72
N SER A 38 -3.97 -18.26 -2.53
CA SER A 38 -4.64 -19.53 -2.69
C SER A 38 -4.63 -20.01 -4.15
N ASP A 39 -4.35 -19.12 -5.10
CA ASP A 39 -4.31 -19.50 -6.51
C ASP A 39 -2.95 -19.99 -6.97
N ALA A 40 -1.95 -19.97 -6.10
CA ALA A 40 -0.64 -20.48 -6.47
C ALA A 40 -0.67 -22.00 -6.55
N GLU A 41 0.23 -22.55 -7.38
CA GLU A 41 0.47 -23.98 -7.37
C GLU A 41 1.06 -24.37 -6.02
N ASN A 42 0.36 -25.27 -5.32
CA ASN A 42 0.76 -25.69 -3.97
C ASN A 42 0.86 -24.48 -3.06
N PRO A 43 -0.26 -23.92 -2.62
CA PRO A 43 -0.21 -22.66 -1.84
C PRO A 43 0.44 -22.87 -0.48
N ARG A 44 1.43 -22.03 -0.19
CA ARG A 44 2.14 -22.00 1.08
C ARG A 44 2.40 -20.56 1.47
N TYR A 45 2.52 -20.31 2.76
CA TYR A 45 3.11 -19.03 3.18
C TYR A 45 4.55 -18.97 2.68
N GLU A 46 4.93 -17.82 2.13
CA GLU A 46 6.21 -17.69 1.44
C GLU A 46 6.97 -16.45 1.89
N PRO A 47 8.30 -16.52 1.95
CA PRO A 47 9.09 -15.34 2.31
C PRO A 47 9.18 -14.33 1.17
N ARG A 48 9.18 -13.05 1.54
CA ARG A 48 9.35 -11.97 0.57
C ARG A 48 10.38 -10.94 1.04
N ALA A 49 11.15 -11.25 2.07
CA ALA A 49 12.28 -10.45 2.50
C ALA A 49 13.38 -11.40 2.94
N ARG A 50 14.63 -10.97 2.76
CA ARG A 50 15.74 -11.87 3.06
C ARG A 50 15.78 -12.25 4.53
N TRP A 51 15.40 -11.33 5.42
CA TRP A 51 15.58 -11.53 6.86
C TRP A 51 14.53 -12.45 7.47
N ILE A 52 13.57 -12.95 6.68
CA ILE A 52 12.61 -13.94 7.16
C ILE A 52 12.92 -15.34 6.62
N GLU A 53 13.81 -15.47 5.65
CA GLU A 53 14.05 -16.74 4.97
C GLU A 53 14.58 -17.82 5.89
N GLN A 54 15.17 -17.46 7.02
CA GLN A 54 15.81 -18.43 7.90
C GLN A 54 14.94 -18.82 9.09
N GLU A 55 13.68 -18.40 9.12
CA GLU A 55 12.76 -19.06 10.02
C GLU A 55 12.67 -20.52 9.59
N GLY A 56 12.64 -21.42 10.56
CA GLY A 56 12.70 -22.83 10.26
C GLY A 56 11.44 -23.33 9.59
N PRO A 57 11.42 -24.62 9.27
CA PRO A 57 10.23 -25.20 8.61
C PRO A 57 8.95 -25.12 9.44
N GLU A 58 9.06 -25.13 10.76
CA GLU A 58 7.92 -25.05 11.65
C GLU A 58 7.14 -23.77 11.46
N TYR A 59 7.86 -22.72 11.22
CA TYR A 59 7.27 -21.40 10.99
C TYR A 59 6.38 -21.43 9.74
N TRP A 60 6.91 -21.93 8.63
CA TRP A 60 6.15 -21.94 7.39
C TRP A 60 4.99 -22.91 7.46
N GLU A 61 5.16 -24.05 8.15
CA GLU A 61 4.05 -24.97 8.31
C GLU A 61 2.93 -24.35 9.15
N ARG A 62 3.29 -23.67 10.23
CA ARG A 62 2.30 -23.04 11.10
C ARG A 62 1.57 -21.91 10.39
N GLU A 63 2.31 -21.08 9.66
CA GLU A 63 1.65 -19.96 8.98
C GLU A 63 0.80 -20.44 7.82
N THR A 64 1.24 -21.47 7.11
CA THR A 64 0.42 -22.04 6.04
C THR A 64 -0.88 -22.61 6.60
N ARG A 65 -0.79 -23.35 7.71
CA ARG A 65 -1.99 -23.89 8.36
C ARG A 65 -2.93 -22.77 8.80
N ARG A 66 -2.38 -21.69 9.36
CA ARG A 66 -3.21 -20.55 9.75
C ARG A 66 -3.92 -19.95 8.56
N ALA A 67 -3.18 -19.70 7.47
CA ALA A 67 -3.78 -19.11 6.28
C ALA A 67 -4.89 -19.99 5.72
N LYS A 68 -4.69 -21.31 5.72
CA LYS A 68 -5.70 -22.19 5.13
C LYS A 68 -6.94 -22.28 6.00
N GLY A 69 -6.80 -22.18 7.32
CA GLY A 69 -7.96 -22.04 8.17
C GLY A 69 -8.68 -20.72 7.96
N ASN A 70 -7.92 -19.63 7.87
CA ASN A 70 -8.52 -18.33 7.58
C ASN A 70 -9.29 -18.35 6.26
N GLU A 71 -8.72 -19.01 5.24
CA GLU A 71 -9.38 -19.09 3.94
C GLU A 71 -10.78 -19.68 4.08
N GLN A 72 -10.92 -20.75 4.87
CA GLN A 72 -12.23 -21.34 5.06
C GLN A 72 -13.17 -20.39 5.78
N CYS A 73 -12.67 -19.70 6.81
CA CYS A 73 -13.45 -18.68 7.50
C CYS A 73 -13.98 -17.63 6.53
N PHE A 74 -13.12 -17.13 5.64
CA PHE A 74 -13.54 -16.06 4.74
C PHE A 74 -14.54 -16.56 3.70
N ARG A 75 -14.49 -17.83 3.33
CA ARG A 75 -15.54 -18.38 2.48
C ARG A 75 -16.89 -18.30 3.18
N VAL A 76 -16.92 -18.70 4.45
CA VAL A 76 -18.13 -18.60 5.25
C VAL A 76 -18.57 -17.15 5.38
N ASP A 77 -17.62 -16.24 5.65
CA ASP A 77 -17.97 -14.83 5.81
C ASP A 77 -18.60 -14.26 4.54
N LEU A 78 -18.04 -14.61 3.37
CA LEU A 78 -18.60 -14.07 2.12
C LEU A 78 -20.02 -14.57 1.89
N ARG A 79 -20.28 -15.84 2.22
CA ARG A 79 -21.64 -16.37 2.10
C ARG A 79 -22.59 -15.68 3.08
N THR A 80 -22.13 -15.45 4.31
CA THR A 80 -22.97 -14.77 5.30
C THR A 80 -23.28 -13.34 4.87
N ALA A 81 -22.30 -12.65 4.29
CA ALA A 81 -22.54 -11.28 3.83
C ALA A 81 -23.65 -11.24 2.78
N LEU A 82 -23.70 -12.23 1.89
CA LEU A 82 -24.79 -12.31 0.92
C LEU A 82 -26.14 -12.33 1.63
N ARG A 83 -26.25 -13.08 2.73
CA ARG A 83 -27.51 -13.14 3.46
C ARG A 83 -27.80 -11.82 4.15
N TYR A 84 -26.79 -11.25 4.83
CA TYR A 84 -27.00 -9.99 5.56
C TYR A 84 -27.49 -8.89 4.64
N TYR A 85 -26.93 -8.82 3.43
CA TYR A 85 -27.24 -7.76 2.47
C TYR A 85 -28.28 -8.17 1.43
N ASN A 86 -28.80 -9.39 1.50
CA ASN A 86 -29.81 -9.88 0.57
C ASN A 86 -29.32 -9.73 -0.88
N GLN A 87 -28.09 -10.16 -1.12
CA GLN A 87 -27.47 -10.05 -2.44
C GLN A 87 -27.54 -11.36 -3.19
N SER A 88 -27.56 -11.27 -4.51
CA SER A 88 -27.61 -12.46 -5.35
C SER A 88 -26.34 -13.26 -5.25
N ALA A 89 -26.46 -14.59 -5.45
CA ALA A 89 -25.29 -15.45 -5.39
C ALA A 89 -24.42 -15.35 -6.64
N GLY A 90 -24.79 -14.55 -7.63
CA GLY A 90 -24.06 -14.49 -8.88
C GLY A 90 -22.98 -13.44 -8.98
N GLY A 91 -22.92 -12.48 -8.05
CA GLY A 91 -21.96 -11.39 -8.15
C GLY A 91 -20.67 -11.65 -7.39
N SER A 92 -19.61 -10.96 -7.81
CA SER A 92 -18.31 -11.03 -7.15
C SER A 92 -18.24 -9.96 -6.06
N HIS A 93 -17.79 -10.37 -4.87
CA HIS A 93 -17.69 -9.47 -3.73
C HIS A 93 -16.34 -9.66 -3.07
N THR A 94 -15.93 -8.66 -2.28
CA THR A 94 -14.65 -8.67 -1.59
C THR A 94 -14.85 -8.51 -0.09
N LEU A 95 -14.05 -9.25 0.68
CA LEU A 95 -13.93 -9.05 2.11
C LEU A 95 -12.47 -8.80 2.43
N GLN A 96 -12.19 -7.71 3.15
CA GLN A 96 -10.83 -7.34 3.51
C GLN A 96 -10.70 -7.25 5.02
N TRP A 97 -9.49 -7.53 5.50
CA TRP A 97 -9.19 -7.60 6.92
C TRP A 97 -7.77 -7.10 7.12
N MET A 98 -7.59 -6.13 8.02
CA MET A 98 -6.28 -5.68 8.43
C MET A 98 -6.15 -5.87 9.93
N ALA A 99 -5.05 -6.47 10.36
CA ALA A 99 -4.76 -6.62 11.79
C ALA A 99 -3.29 -6.36 12.02
N GLY A 100 -2.96 -5.82 13.18
CA GLY A 100 -1.57 -5.57 13.47
C GLY A 100 -1.39 -4.63 14.63
N CYS A 101 -0.12 -4.32 14.91
CA CYS A 101 0.25 -3.57 16.10
C CYS A 101 1.27 -2.48 15.77
N ASP A 102 1.09 -1.32 16.39
CA ASP A 102 2.10 -0.26 16.42
C ASP A 102 2.78 -0.33 17.79
N VAL A 103 4.12 -0.39 17.80
CA VAL A 103 4.86 -0.67 19.03
C VAL A 103 6.02 0.31 19.15
N GLU A 104 6.13 0.97 20.29
CA GLU A 104 7.27 1.84 20.52
C GLU A 104 8.52 0.99 20.77
N SER A 105 9.70 1.62 20.61
CA SER A 105 10.95 0.89 20.75
C SER A 105 11.16 0.30 22.13
N ASP A 106 10.39 0.72 23.14
CA ASP A 106 10.47 0.16 24.48
C ASP A 106 9.51 -1.00 24.68
N GLY A 107 8.82 -1.44 23.63
CA GLY A 107 7.87 -2.52 23.73
C GLY A 107 6.45 -2.11 24.05
N ARG A 108 6.19 -0.83 24.29
CA ARG A 108 4.83 -0.39 24.58
C ARG A 108 3.96 -0.50 23.35
N LEU A 109 2.80 -1.14 23.49
CA LEU A 109 1.82 -1.18 22.42
C LEU A 109 1.16 0.19 22.29
N LEU A 110 1.37 0.84 21.14
CA LEU A 110 0.77 2.14 20.92
C LEU A 110 -0.66 2.02 20.39
N ARG A 111 -0.93 1.01 19.57
CA ARG A 111 -2.25 0.84 18.98
C ARG A 111 -2.33 -0.56 18.39
N GLY A 112 -3.49 -1.21 18.56
CA GLY A 112 -3.79 -2.47 17.91
C GLY A 112 -4.94 -2.28 16.94
N TYR A 113 -4.92 -3.04 15.85
CA TYR A 113 -5.95 -2.96 14.81
C TYR A 113 -6.47 -4.35 14.51
N TRP A 114 -7.78 -4.42 14.24
CA TRP A 114 -8.45 -5.67 13.87
C TRP A 114 -9.77 -5.23 13.22
N GLN A 115 -9.73 -5.02 11.90
CA GLN A 115 -10.84 -4.34 11.24
C GLN A 115 -11.10 -4.93 9.85
N PHE A 116 -12.34 -4.75 9.39
CA PHE A 116 -12.84 -5.39 8.18
C PHE A 116 -13.55 -4.39 7.28
N ALA A 117 -13.53 -4.70 5.98
CA ALA A 117 -14.31 -3.97 4.98
C ALA A 117 -14.97 -4.97 4.04
N TYR A 118 -16.19 -4.66 3.63
CA TYR A 118 -16.93 -5.46 2.67
C TYR A 118 -17.17 -4.62 1.42
N ASP A 119 -16.76 -5.15 0.26
CA ASP A 119 -16.87 -4.45 -1.01
C ASP A 119 -16.25 -3.05 -0.94
N GLY A 120 -15.14 -2.95 -0.22
CA GLY A 120 -14.34 -1.73 -0.20
C GLY A 120 -14.79 -0.67 0.80
N CYS A 121 -15.76 -0.96 1.64
CA CYS A 121 -16.26 0.00 2.62
C CYS A 121 -16.17 -0.59 4.03
N ASP A 122 -15.89 0.27 5.01
CA ASP A 122 -15.85 -0.12 6.42
C ASP A 122 -17.01 -1.04 6.76
N TYR A 123 -16.70 -2.14 7.43
CA TYR A 123 -17.72 -3.06 7.95
C TYR A 123 -17.71 -3.04 9.47
N ILE A 124 -16.65 -3.53 10.12
CA ILE A 124 -16.58 -3.51 11.58
C ILE A 124 -15.12 -3.37 11.97
N ALA A 125 -14.86 -2.66 13.06
CA ALA A 125 -13.50 -2.35 13.47
C ALA A 125 -13.37 -2.43 14.98
N LEU A 126 -12.29 -3.08 15.44
CA LEU A 126 -12.00 -3.07 16.86
C LEU A 126 -11.56 -1.68 17.28
N ASN A 127 -12.17 -1.16 18.35
CA ASN A 127 -11.81 0.18 18.82
C ASN A 127 -10.45 0.17 19.50
N GLU A 128 -9.90 1.37 19.70
CA GLU A 128 -8.57 1.52 20.28
C GLU A 128 -8.48 0.87 21.66
N ASP A 129 -9.60 0.79 22.40
CA ASP A 129 -9.59 0.13 23.70
C ASP A 129 -9.37 -1.37 23.60
N LEU A 130 -9.45 -1.94 22.38
CA LEU A 130 -9.33 -3.38 22.14
C LEU A 130 -10.40 -4.16 22.90
N LYS A 131 -11.51 -3.51 23.23
CA LYS A 131 -12.62 -4.11 23.97
C LYS A 131 -13.95 -4.01 23.23
N THR A 132 -14.20 -2.91 22.53
CA THR A 132 -15.49 -2.65 21.90
C THR A 132 -15.33 -2.51 20.39
N TRP A 133 -16.46 -2.62 19.69
CA TRP A 133 -16.47 -2.62 18.23
C TRP A 133 -17.25 -1.43 17.68
N THR A 134 -16.79 -0.93 16.54
CA THR A 134 -17.51 0.07 15.76
C THR A 134 -18.06 -0.60 14.50
N ALA A 135 -19.38 -0.70 14.40
CA ALA A 135 -20.04 -1.28 13.25
C ALA A 135 -20.52 -0.17 12.33
N ALA A 136 -20.30 -0.34 11.02
CA ALA A 136 -20.52 0.73 10.06
C ALA A 136 -21.94 0.77 9.49
N ASP A 137 -22.69 -0.31 9.56
CA ASP A 137 -24.06 -0.33 9.04
C ASP A 137 -24.88 -1.35 9.81
N MET A 138 -26.12 -1.57 9.36
CA MET A 138 -27.03 -2.46 10.07
C MET A 138 -26.57 -3.91 9.98
N ALA A 139 -26.00 -4.31 8.85
CA ALA A 139 -25.46 -5.66 8.74
C ALA A 139 -24.36 -5.89 9.76
N ALA A 140 -23.42 -4.93 9.86
CA ALA A 140 -22.32 -5.06 10.81
C ALA A 140 -22.79 -5.04 12.26
N GLN A 141 -23.94 -4.43 12.54
CA GLN A 141 -24.50 -4.49 13.89
C GLN A 141 -24.87 -5.92 14.28
N ILE A 142 -25.29 -6.73 13.31
CA ILE A 142 -25.52 -8.16 13.57
C ILE A 142 -24.23 -8.81 14.03
N THR A 143 -23.15 -8.55 13.30
CA THR A 143 -21.84 -9.09 13.66
C THR A 143 -21.38 -8.57 15.02
N ARG A 144 -21.64 -7.30 15.31
CA ARG A 144 -21.22 -6.73 16.59
C ARG A 144 -21.92 -7.41 17.75
N ARG A 145 -23.21 -7.61 17.61
CA ARG A 145 -23.95 -8.29 18.66
C ARG A 145 -23.36 -9.68 18.86
N LYS A 146 -23.12 -10.37 17.76
CA LYS A 146 -22.61 -11.74 17.83
C LYS A 146 -21.25 -11.80 18.51
N TRP A 147 -20.33 -10.90 18.13
CA TRP A 147 -19.00 -10.95 18.70
C TRP A 147 -18.97 -10.43 20.13
N GLU A 148 -19.88 -9.53 20.48
CA GLU A 148 -19.98 -9.10 21.88
C GLU A 148 -20.39 -10.26 22.77
N GLN A 149 -21.43 -11.01 22.36
CA GLN A 149 -21.91 -12.12 23.17
C GLN A 149 -20.90 -13.25 23.23
N ALA A 150 -20.09 -13.42 22.19
CA ALA A 150 -19.06 -14.45 22.18
C ALA A 150 -17.76 -14.00 22.84
N GLY A 151 -17.64 -12.72 23.19
CA GLY A 151 -16.39 -12.21 23.73
C GLY A 151 -15.25 -12.26 22.76
N ALA A 152 -15.52 -12.07 21.46
CA ALA A 152 -14.50 -12.26 20.45
C ALA A 152 -13.30 -11.33 20.63
N ALA A 153 -13.53 -10.11 21.13
CA ALA A 153 -12.44 -9.14 21.23
C ALA A 153 -11.34 -9.60 22.18
N GLU A 154 -11.67 -10.44 23.17
CA GLU A 154 -10.68 -10.85 24.15
C GLU A 154 -9.53 -11.61 23.50
N ARG A 155 -9.86 -12.56 22.64
CA ARG A 155 -8.85 -13.33 21.93
C ARG A 155 -8.08 -12.43 20.97
N ASP A 156 -8.79 -11.51 20.33
CA ASP A 156 -8.16 -10.58 19.38
C ASP A 156 -7.16 -9.69 20.11
N ARG A 157 -7.56 -9.14 21.26
CA ARG A 157 -6.66 -8.31 22.05
C ARG A 157 -5.43 -9.08 22.49
N ALA A 158 -5.61 -10.36 22.84
CA ALA A 158 -4.48 -11.17 23.28
C ALA A 158 -3.44 -11.34 22.18
N TYR A 159 -3.90 -11.50 20.94
CA TYR A 159 -2.95 -11.51 19.81
C TYR A 159 -2.24 -10.16 19.70
N LEU A 160 -2.99 -9.06 19.81
CA LEU A 160 -2.40 -7.75 19.55
C LEU A 160 -1.41 -7.35 20.64
N GLU A 161 -1.68 -7.73 21.88
CA GLU A 161 -0.80 -7.38 22.99
C GLU A 161 0.32 -8.39 23.18
N GLY A 162 0.17 -9.60 22.66
CA GLY A 162 1.14 -10.65 22.90
C GLY A 162 1.90 -11.04 21.65
N GLU A 163 1.34 -12.00 20.91
CA GLU A 163 1.99 -12.54 19.72
C GLU A 163 2.49 -11.44 18.79
N CYS A 164 1.64 -10.45 18.48
CA CYS A 164 2.01 -9.41 17.53
C CYS A 164 3.25 -8.66 18.01
N VAL A 165 3.25 -8.24 19.28
CA VAL A 165 4.38 -7.51 19.84
C VAL A 165 5.64 -8.38 19.86
N GLU A 166 5.51 -9.63 20.30
CA GLU A 166 6.68 -10.49 20.44
C GLU A 166 7.33 -10.79 19.09
N TRP A 167 6.52 -11.06 18.07
CA TRP A 167 7.11 -11.38 16.78
C TRP A 167 7.63 -10.15 16.07
N LEU A 168 6.99 -8.99 16.24
CA LEU A 168 7.58 -7.76 15.70
C LEU A 168 8.99 -7.56 16.26
N ARG A 169 9.17 -7.82 17.55
N ARG A 169 9.17 -7.81 17.56
CA ARG A 169 10.49 -7.67 18.16
CA ARG A 169 10.50 -7.67 18.15
C ARG A 169 11.51 -8.61 17.49
C ARG A 169 11.50 -8.60 17.46
N ARG A 170 11.10 -9.85 17.22
CA ARG A 170 12.01 -10.79 16.55
C ARG A 170 12.32 -10.35 15.12
N TYR A 171 11.30 -9.90 14.38
CA TYR A 171 11.53 -9.47 13.00
C TYR A 171 12.49 -8.28 12.94
N LEU A 172 12.33 -7.32 13.84
CA LEU A 172 13.25 -6.18 13.84
C LEU A 172 14.68 -6.63 14.17
N LYS A 173 14.83 -7.67 14.99
CA LYS A 173 16.16 -8.21 15.25
C LYS A 173 16.72 -8.90 14.01
N ASN A 174 15.93 -9.79 13.39
CA ASN A 174 16.33 -10.45 12.15
C ASN A 174 16.77 -9.43 11.11
N GLY A 175 15.97 -8.39 10.91
CA GLY A 175 16.23 -7.45 9.83
C GLY A 175 16.87 -6.15 10.28
N ASN A 176 17.60 -6.19 11.41
CA ASN A 176 18.15 -4.95 11.96
C ASN A 176 19.13 -4.27 11.01
N ALA A 177 19.65 -4.98 10.02
CA ALA A 177 20.58 -4.35 9.09
C ALA A 177 19.89 -3.41 8.13
N THR A 178 18.57 -3.47 8.03
CA THR A 178 17.82 -2.71 7.03
C THR A 178 16.58 -2.02 7.61
N LEU A 179 15.90 -2.68 8.55
CA LEU A 179 14.60 -2.18 8.99
C LEU A 179 14.68 -0.95 9.89
N LEU A 180 15.83 -0.70 10.52
CA LEU A 180 15.93 0.41 11.46
C LEU A 180 16.38 1.71 10.80
N ARG A 181 16.76 1.68 9.52
CA ARG A 181 17.24 2.87 8.86
C ARG A 181 16.13 3.92 8.77
N THR A 182 16.55 5.20 8.79
CA THR A 182 15.65 6.31 8.45
C THR A 182 16.41 7.16 7.44
N ASP A 183 16.36 6.75 6.18
CA ASP A 183 17.07 7.44 5.11
C ASP A 183 16.35 8.74 4.79
N PRO A 184 16.97 9.88 4.99
CA PRO A 184 16.28 11.14 4.77
C PRO A 184 16.12 11.41 3.29
N PRO A 185 15.12 12.21 2.92
CA PRO A 185 14.99 12.61 1.52
C PRO A 185 16.15 13.49 1.08
N LYS A 186 16.53 13.31 -0.18
CA LYS A 186 17.33 14.28 -0.91
C LYS A 186 16.36 15.10 -1.74
N ALA A 187 16.41 16.42 -1.60
CA ALA A 187 15.39 17.29 -2.17
C ALA A 187 15.99 18.32 -3.11
N HIS A 188 15.21 18.70 -4.12
CA HIS A 188 15.58 19.77 -5.02
C HIS A 188 14.32 20.33 -5.67
N VAL A 189 14.43 21.53 -6.22
CA VAL A 189 13.32 22.19 -6.90
C VAL A 189 13.66 22.31 -8.38
N THR A 190 12.73 21.90 -9.24
CA THR A 190 12.86 22.11 -10.67
C THR A 190 11.95 23.26 -11.12
N HIS A 191 12.30 23.83 -12.26
CA HIS A 191 11.71 25.07 -12.77
C HIS A 191 11.28 24.82 -14.21
N HIS A 192 10.00 25.02 -14.50
CA HIS A 192 9.43 24.75 -15.82
C HIS A 192 8.58 25.92 -16.27
N ARG A 193 9.09 26.71 -17.20
CA ARG A 193 8.27 27.76 -17.81
C ARG A 193 7.12 27.15 -18.61
N ARG A 194 5.94 27.72 -18.46
CA ARG A 194 4.76 27.28 -19.18
C ARG A 194 4.49 28.21 -20.36
N PRO A 195 3.79 27.71 -21.39
CA PRO A 195 3.40 28.61 -22.49
C PRO A 195 2.50 29.75 -22.04
N GLU A 196 1.72 29.54 -20.98
CA GLU A 196 0.83 30.57 -20.47
C GLU A 196 1.57 31.77 -19.88
N GLY A 197 2.90 31.70 -19.74
CA GLY A 197 3.68 32.83 -19.28
C GLY A 197 4.12 32.78 -17.84
N ASP A 198 3.64 31.81 -17.07
CA ASP A 198 4.04 31.64 -15.68
C ASP A 198 4.99 30.45 -15.56
N VAL A 199 5.20 29.96 -14.34
CA VAL A 199 6.21 28.95 -14.07
C VAL A 199 5.64 27.89 -13.13
N THR A 200 5.95 26.62 -13.42
CA THR A 200 5.71 25.55 -12.47
C THR A 200 6.99 25.29 -11.68
N LEU A 201 6.90 25.40 -10.36
CA LEU A 201 7.96 24.95 -9.47
C LEU A 201 7.59 23.59 -8.92
N ARG A 202 8.49 22.63 -9.02
CA ARG A 202 8.23 21.28 -8.53
C ARG A 202 9.29 20.92 -7.50
N CYS A 203 8.85 20.62 -6.29
CA CYS A 203 9.74 20.24 -5.21
C CYS A 203 9.78 18.72 -5.12
N TRP A 204 10.98 18.15 -5.26
CA TRP A 204 11.19 16.71 -5.30
C TRP A 204 11.79 16.24 -4.00
N ALA A 205 11.34 15.07 -3.53
CA ALA A 205 11.97 14.34 -2.44
C ALA A 205 12.25 12.92 -2.92
N LEU A 206 13.52 12.50 -2.84
CA LEU A 206 13.91 11.21 -3.39
C LEU A 206 14.70 10.40 -2.37
N GLY A 207 14.58 9.08 -2.46
CA GLY A 207 15.45 8.20 -1.72
C GLY A 207 15.17 8.06 -0.24
N PHE A 208 13.94 8.29 0.22
CA PHE A 208 13.69 8.30 1.65
C PHE A 208 12.99 7.03 2.11
N TYR A 209 13.19 6.71 3.39
CA TYR A 209 12.51 5.60 4.07
C TYR A 209 12.47 5.93 5.55
N PRO A 210 11.31 5.73 6.22
CA PRO A 210 10.06 5.16 5.73
C PRO A 210 9.27 6.11 4.83
N ALA A 211 8.08 5.67 4.42
CA ALA A 211 7.36 6.37 3.37
C ALA A 211 6.72 7.66 3.84
N ASP A 212 6.41 7.80 5.12
CA ASP A 212 5.75 9.01 5.61
C ASP A 212 6.63 10.23 5.40
N ILE A 213 6.05 11.28 4.84
CA ILE A 213 6.78 12.51 4.52
C ILE A 213 5.75 13.62 4.36
N THR A 214 6.16 14.86 4.60
CA THR A 214 5.32 16.01 4.30
C THR A 214 6.11 16.99 3.43
N LEU A 215 5.52 17.37 2.29
CA LEU A 215 6.07 18.37 1.38
C LEU A 215 5.09 19.51 1.29
N THR A 216 5.55 20.73 1.54
CA THR A 216 4.69 21.90 1.60
C THR A 216 5.39 23.08 0.96
N TRP A 217 4.64 23.82 0.13
CA TRP A 217 5.09 25.08 -0.43
C TRP A 217 4.54 26.21 0.42
N GLN A 218 5.38 27.21 0.68
CA GLN A 218 4.94 28.30 1.52
C GLN A 218 5.50 29.60 0.98
N LEU A 219 4.91 30.69 1.46
CA LEU A 219 5.43 32.02 1.20
C LEU A 219 6.05 32.54 2.49
N ASN A 220 5.38 33.43 3.20
CA ASN A 220 5.83 33.88 4.50
C ASN A 220 4.71 33.79 5.53
N GLY A 221 3.96 32.69 5.50
CA GLY A 221 2.89 32.44 6.43
C GLY A 221 1.50 32.57 5.85
N GLU A 222 1.34 33.33 4.78
CA GLU A 222 0.02 33.49 4.17
C GLU A 222 -0.41 32.20 3.49
N GLU A 223 -1.73 32.05 3.36
CA GLU A 223 -2.27 30.88 2.67
C GLU A 223 -1.99 31.00 1.18
N LEU A 224 -1.52 29.93 0.57
CA LEU A 224 -1.22 29.93 -0.86
C LEU A 224 -2.50 29.66 -1.65
N THR A 225 -2.84 30.58 -2.53
CA THR A 225 -3.98 30.43 -3.43
C THR A 225 -3.57 29.94 -4.81
N GLN A 226 -2.27 29.73 -5.04
CA GLN A 226 -1.78 29.34 -6.35
C GLN A 226 -2.17 27.90 -6.66
N GLU A 227 -2.16 27.58 -7.96
CA GLU A 227 -2.49 26.23 -8.39
C GLU A 227 -1.40 25.27 -7.95
N MET A 228 -1.82 24.21 -7.27
CA MET A 228 -0.87 23.25 -6.76
C MET A 228 -1.25 21.83 -7.11
N GLU A 229 -0.32 20.94 -6.82
CA GLU A 229 -0.50 19.51 -7.09
C GLU A 229 0.52 18.69 -6.31
N LEU A 230 0.04 17.61 -5.69
CA LEU A 230 0.85 16.75 -4.81
C LEU A 230 0.62 15.30 -5.19
N VAL A 231 1.64 14.63 -5.76
CA VAL A 231 1.45 13.24 -6.16
C VAL A 231 1.51 12.33 -4.94
N GLU A 232 0.87 11.18 -5.10
CA GLU A 232 0.94 10.12 -4.11
C GLU A 232 2.37 9.60 -3.97
N THR A 233 2.78 9.39 -2.73
CA THR A 233 4.09 8.82 -2.45
C THR A 233 4.21 7.47 -3.13
N ARG A 234 5.37 7.23 -3.76
CA ARG A 234 5.54 6.07 -4.61
C ARG A 234 6.85 5.35 -4.34
N PRO A 235 6.89 4.03 -4.51
CA PRO A 235 8.13 3.29 -4.25
C PRO A 235 9.10 3.39 -5.42
N ALA A 236 10.38 3.60 -5.10
CA ALA A 236 11.38 3.53 -6.15
C ALA A 236 11.64 2.09 -6.57
N GLY A 237 11.31 1.13 -5.71
CA GLY A 237 11.51 -0.27 -5.97
C GLY A 237 12.71 -0.86 -5.27
N ASP A 238 13.58 -0.02 -4.71
CA ASP A 238 14.79 -0.46 -4.02
C ASP A 238 14.69 -0.31 -2.51
N GLY A 239 13.49 -0.12 -1.97
CA GLY A 239 13.34 0.13 -0.56
C GLY A 239 13.29 1.59 -0.19
N THR A 240 13.34 2.50 -1.15
CA THR A 240 13.14 3.92 -0.88
C THR A 240 11.90 4.41 -1.60
N PHE A 241 11.50 5.63 -1.26
CA PHE A 241 10.29 6.22 -1.78
C PHE A 241 10.57 7.59 -2.39
N GLN A 242 9.59 8.06 -3.17
CA GLN A 242 9.69 9.31 -3.92
C GLN A 242 8.38 10.09 -3.79
N LYS A 243 8.48 11.41 -3.84
CA LYS A 243 7.28 12.24 -3.84
C LYS A 243 7.63 13.59 -4.45
N TRP A 244 6.65 14.25 -5.03
CA TRP A 244 6.84 15.65 -5.40
C TRP A 244 5.56 16.43 -5.20
N ALA A 245 5.75 17.74 -5.23
CA ALA A 245 4.74 18.72 -4.91
C ALA A 245 5.00 19.96 -5.75
N SER A 246 3.97 20.47 -6.44
CA SER A 246 4.19 21.57 -7.38
C SER A 246 3.27 22.75 -7.10
N VAL A 247 3.71 23.91 -7.58
CA VAL A 247 2.96 25.16 -7.50
C VAL A 247 3.23 25.97 -8.77
N VAL A 248 2.19 26.65 -9.27
CA VAL A 248 2.31 27.54 -10.42
C VAL A 248 2.45 28.97 -9.90
N VAL A 249 3.55 29.62 -10.26
CA VAL A 249 3.88 30.94 -9.72
C VAL A 249 4.14 31.93 -10.85
N PRO A 250 3.93 33.23 -10.62
CA PRO A 250 4.24 34.20 -11.67
C PRO A 250 5.72 34.24 -12.00
N LEU A 251 6.03 34.42 -13.29
CA LEU A 251 7.40 34.60 -13.72
C LEU A 251 8.01 35.81 -13.02
N GLY A 252 9.18 35.63 -12.41
CA GLY A 252 9.83 36.67 -11.67
C GLY A 252 9.58 36.65 -10.17
N LYS A 253 8.66 35.80 -9.70
CA LYS A 253 8.33 35.70 -8.29
C LYS A 253 8.80 34.39 -7.68
N GLU A 254 9.62 33.62 -8.39
CA GLU A 254 9.99 32.28 -7.92
C GLU A 254 10.65 32.30 -6.55
N GLN A 255 11.45 33.35 -6.27
CA GLN A 255 12.22 33.35 -5.04
C GLN A 255 11.36 33.60 -3.80
N LYS A 256 10.10 34.00 -3.96
CA LYS A 256 9.20 34.17 -2.83
C LYS A 256 8.71 32.85 -2.25
N TYR A 257 8.86 31.74 -2.97
CA TYR A 257 8.27 30.47 -2.60
C TYR A 257 9.34 29.55 -2.05
N THR A 258 9.04 28.89 -0.93
CA THR A 258 9.93 27.90 -0.35
C THR A 258 9.21 26.58 -0.18
N CYS A 259 9.91 25.49 -0.45
CA CYS A 259 9.42 24.15 -0.23
C CYS A 259 9.93 23.65 1.11
N HIS A 260 9.04 23.22 1.94
CA HIS A 260 9.39 22.66 3.23
CA HIS A 260 9.37 22.68 3.26
C HIS A 260 9.14 21.04 3.37
N VAL A 261 10.24 20.42 3.77
CA VAL A 261 10.29 18.97 3.76
C VAL A 261 10.47 18.48 5.20
N GLU A 262 9.56 17.62 5.65
CA GLU A 262 9.65 17.01 6.97
C GLU A 262 9.64 15.49 6.83
N HIS A 263 10.55 14.84 7.56
CA HIS A 263 10.70 13.40 7.46
C HIS A 263 11.43 12.91 8.71
N GLU A 264 11.08 11.68 9.13
CA GLU A 264 11.65 11.12 10.35
C GLU A 264 13.18 11.08 10.31
N GLY A 265 13.75 10.93 9.11
CA GLY A 265 15.20 10.84 8.99
C GLY A 265 15.93 12.16 9.00
N LEU A 266 15.21 13.27 9.02
CA LEU A 266 15.86 14.57 8.99
C LEU A 266 16.09 15.08 10.41
N PRO A 267 17.31 15.53 10.74
CA PRO A 267 17.51 16.18 12.05
C PRO A 267 16.81 17.53 12.15
N GLU A 268 16.71 18.26 11.05
CA GLU A 268 15.91 19.47 10.95
C GLU A 268 15.15 19.40 9.63
N PRO A 269 13.94 19.98 9.57
CA PRO A 269 13.23 20.03 8.29
C PRO A 269 14.05 20.80 7.26
N LEU A 270 13.86 20.46 6.00
CA LEU A 270 14.55 21.13 4.91
C LEU A 270 13.71 22.30 4.42
N THR A 271 14.38 23.39 4.06
CA THR A 271 13.75 24.50 3.35
C THR A 271 14.54 24.77 2.09
N LEU A 272 13.87 24.75 0.95
CA LEU A 272 14.54 24.88 -0.35
C LEU A 272 13.86 25.94 -1.18
N ARG A 273 14.65 26.62 -2.02
CA ARG A 273 14.17 27.58 -2.99
C ARG A 273 14.68 27.21 -4.37
N TRP A 274 14.07 27.81 -5.39
CA TRP A 274 14.61 27.75 -6.74
C TRP A 274 15.78 28.73 -6.87
N ILE B 1 -19.08 2.16 -5.32
CA ILE B 1 -18.26 1.04 -4.89
C ILE B 1 -17.31 0.61 -6.02
N GLN B 2 -16.93 1.57 -6.86
CA GLN B 2 -15.90 1.35 -7.86
C GLN B 2 -14.95 2.53 -7.85
N LYS B 3 -13.67 2.26 -7.65
CA LYS B 3 -12.64 3.28 -7.62
C LYS B 3 -11.73 3.13 -8.82
N THR B 4 -11.48 4.24 -9.53
CA THR B 4 -10.68 4.23 -10.75
C THR B 4 -9.20 4.28 -10.41
N PRO B 5 -8.37 3.44 -11.03
CA PRO B 5 -6.94 3.44 -10.69
C PRO B 5 -6.25 4.75 -11.02
N GLN B 6 -5.35 5.16 -10.12
CA GLN B 6 -4.37 6.21 -10.36
C GLN B 6 -3.07 5.57 -10.82
N ILE B 7 -2.43 6.16 -11.83
CA ILE B 7 -1.32 5.52 -12.52
C ILE B 7 -0.14 6.48 -12.57
N GLN B 8 1.02 6.04 -12.10
CA GLN B 8 2.25 6.80 -12.24
C GLN B 8 3.30 5.95 -12.96
N VAL B 9 3.99 6.55 -13.91
CA VAL B 9 5.04 5.89 -14.68
C VAL B 9 6.32 6.70 -14.49
N TYR B 10 7.36 6.06 -13.98
CA TYR B 10 8.54 6.81 -13.54
C TYR B 10 9.72 5.86 -13.39
N SER B 11 10.92 6.42 -13.48
CA SER B 11 12.12 5.60 -13.32
C SER B 11 12.60 5.57 -11.88
N ARG B 12 13.30 4.49 -11.53
CA ARG B 12 13.83 4.36 -10.17
C ARG B 12 14.83 5.47 -9.86
N HIS B 13 15.74 5.74 -10.78
CA HIS B 13 16.79 6.74 -10.68
C HIS B 13 16.56 7.86 -11.68
N PRO B 14 17.10 9.05 -11.44
CA PRO B 14 17.01 10.13 -12.42
C PRO B 14 17.53 9.65 -13.76
N PRO B 15 16.75 9.82 -14.83
CA PRO B 15 17.08 9.13 -16.08
C PRO B 15 18.19 9.83 -16.84
N GLU B 16 19.05 9.02 -17.43
CA GLU B 16 20.14 9.51 -18.28
C GLU B 16 20.19 8.60 -19.49
N ASN B 17 20.04 9.17 -20.69
CA ASN B 17 20.06 8.36 -21.90
C ASN B 17 21.36 7.58 -21.96
N GLY B 18 21.26 6.27 -22.13
CA GLY B 18 22.42 5.41 -22.21
C GLY B 18 22.82 4.77 -20.89
N LYS B 19 22.18 5.14 -19.79
CA LYS B 19 22.52 4.60 -18.48
C LYS B 19 21.44 3.65 -18.01
N PRO B 20 21.79 2.41 -17.66
CA PRO B 20 20.76 1.44 -17.24
C PRO B 20 19.96 1.92 -16.04
N ASN B 21 18.68 1.54 -16.01
CA ASN B 21 17.72 2.06 -15.04
C ASN B 21 16.59 1.04 -14.87
N ILE B 22 15.58 1.41 -14.09
CA ILE B 22 14.38 0.61 -13.87
C ILE B 22 13.19 1.51 -14.13
N LEU B 23 12.22 1.03 -14.92
CA LEU B 23 10.99 1.77 -15.15
C LEU B 23 9.85 1.15 -14.33
N ASN B 24 9.16 2.01 -13.59
CA ASN B 24 8.08 1.60 -12.68
C ASN B 24 6.73 2.04 -13.23
N CYS B 25 5.72 1.19 -13.05
CA CYS B 25 4.33 1.58 -13.23
C CYS B 25 3.60 1.28 -11.93
N TYR B 26 3.26 2.33 -11.18
CA TYR B 26 2.66 2.21 -9.85
C TYR B 26 1.18 2.54 -9.98
N VAL B 27 0.32 1.59 -9.60
CA VAL B 27 -1.12 1.72 -9.80
C VAL B 27 -1.79 1.63 -8.44
N THR B 28 -2.59 2.65 -8.10
CA THR B 28 -3.16 2.78 -6.77
C THR B 28 -4.63 3.14 -6.82
N GLN B 29 -5.27 3.05 -5.64
CA GLN B 29 -6.60 3.63 -5.38
C GLN B 29 -7.68 2.99 -6.24
N PHE B 30 -7.60 1.69 -6.46
CA PHE B 30 -8.61 1.03 -7.27
C PHE B 30 -9.38 -0.02 -6.48
N HIS B 31 -10.60 -0.26 -6.93
CA HIS B 31 -11.47 -1.30 -6.39
C HIS B 31 -12.53 -1.57 -7.43
N PRO B 32 -12.81 -2.85 -7.70
CA PRO B 32 -12.32 -4.09 -7.11
C PRO B 32 -10.85 -4.41 -7.44
N PRO B 33 -10.27 -5.45 -6.81
CA PRO B 33 -8.84 -5.69 -6.98
C PRO B 33 -8.45 -6.22 -8.35
N HIS B 34 -9.36 -6.83 -9.10
CA HIS B 34 -8.96 -7.37 -10.40
C HIS B 34 -8.50 -6.26 -11.34
N ILE B 35 -7.30 -6.42 -11.90
CA ILE B 35 -6.71 -5.40 -12.75
C ILE B 35 -5.74 -6.08 -13.70
N GLU B 36 -5.58 -5.48 -14.89
CA GLU B 36 -4.62 -5.97 -15.86
C GLU B 36 -3.69 -4.82 -16.24
N ILE B 37 -2.40 -5.06 -16.12
CA ILE B 37 -1.38 -4.02 -16.27
C ILE B 37 -0.33 -4.51 -17.26
N GLN B 38 -0.01 -3.68 -18.25
CA GLN B 38 1.06 -4.03 -19.18
C GLN B 38 1.96 -2.82 -19.37
N MET B 39 3.25 -3.10 -19.50
CA MET B 39 4.23 -2.09 -19.86
C MET B 39 4.59 -2.26 -21.32
N LEU B 40 4.68 -1.14 -22.04
CA LEU B 40 4.85 -1.13 -23.49
C LEU B 40 6.08 -0.33 -23.87
N LYS B 41 6.81 -0.84 -24.87
CA LYS B 41 7.93 -0.13 -25.48
C LYS B 41 7.61 0.04 -26.96
N ASN B 42 7.50 1.30 -27.40
CA ASN B 42 7.18 1.60 -28.79
C ASN B 42 5.93 0.85 -29.23
N GLY B 43 4.94 0.80 -28.33
CA GLY B 43 3.66 0.21 -28.62
C GLY B 43 3.58 -1.28 -28.46
N LYS B 44 4.69 -1.95 -28.12
CA LYS B 44 4.74 -3.40 -28.02
C LYS B 44 4.89 -3.83 -26.57
N LYS B 45 4.20 -4.91 -26.21
CA LYS B 45 4.28 -5.48 -24.88
C LYS B 45 5.73 -5.82 -24.53
N ILE B 46 6.16 -5.41 -23.35
CA ILE B 46 7.51 -5.74 -22.88
C ILE B 46 7.47 -7.13 -22.26
N PRO B 47 8.32 -8.07 -22.69
CA PRO B 47 8.13 -9.46 -22.25
C PRO B 47 8.43 -9.69 -20.78
N LYS B 48 9.50 -9.13 -20.24
CA LYS B 48 9.87 -9.39 -18.84
C LYS B 48 9.49 -8.18 -18.00
N VAL B 49 8.30 -8.23 -17.41
CA VAL B 49 7.82 -7.25 -16.46
C VAL B 49 7.48 -7.97 -15.16
N GLU B 50 8.06 -7.51 -14.06
CA GLU B 50 7.80 -8.09 -12.76
C GLU B 50 6.70 -7.34 -12.04
N MET B 51 5.83 -8.09 -11.38
CA MET B 51 4.70 -7.55 -10.62
C MET B 51 4.93 -7.78 -9.14
N SER B 52 4.77 -6.73 -8.34
CA SER B 52 4.76 -6.92 -6.90
C SER B 52 3.48 -7.62 -6.49
N ASP B 53 3.48 -8.13 -5.25
CA ASP B 53 2.25 -8.61 -4.66
C ASP B 53 1.29 -7.45 -4.44
N MET B 54 0.02 -7.66 -4.78
CA MET B 54 -0.98 -6.64 -4.52
C MET B 54 -1.24 -6.53 -3.03
N SER B 55 -1.48 -5.30 -2.55
CA SER B 55 -1.89 -5.08 -1.17
C SER B 55 -2.93 -3.97 -1.17
N PHE B 56 -3.27 -3.45 0.01
CA PHE B 56 -4.22 -2.37 0.07
C PHE B 56 -3.85 -1.37 1.16
N SER B 57 -4.42 -0.18 1.04
CA SER B 57 -4.06 0.98 1.85
C SER B 57 -5.03 1.15 3.02
N LYS B 58 -4.84 2.26 3.76
CA LYS B 58 -5.66 2.55 4.94
C LYS B 58 -7.13 2.69 4.57
N ASP B 59 -7.43 3.28 3.41
CA ASP B 59 -8.80 3.48 2.97
C ASP B 59 -9.37 2.27 2.23
N TRP B 60 -8.67 1.13 2.28
CA TRP B 60 -9.04 -0.17 1.73
C TRP B 60 -8.79 -0.30 0.22
N SER B 61 -8.41 0.77 -0.47
CA SER B 61 -8.17 0.64 -1.91
C SER B 61 -6.86 -0.10 -2.18
N PHE B 62 -6.78 -0.73 -3.34
CA PHE B 62 -5.69 -1.62 -3.66
C PHE B 62 -4.57 -0.90 -4.39
N TYR B 63 -3.37 -1.49 -4.34
CA TYR B 63 -2.22 -0.92 -5.04
C TYR B 63 -1.26 -2.03 -5.43
N ILE B 64 -0.48 -1.77 -6.49
CA ILE B 64 0.44 -2.76 -7.04
C ILE B 64 1.49 -2.03 -7.86
N LEU B 65 2.67 -2.64 -7.97
CA LEU B 65 3.80 -2.08 -8.72
C LEU B 65 4.23 -3.04 -9.80
N ALA B 66 4.33 -2.55 -11.05
CA ALA B 66 4.98 -3.24 -12.15
C ALA B 66 6.31 -2.57 -12.44
N HIS B 67 7.32 -3.36 -12.81
CA HIS B 67 8.61 -2.76 -13.13
C HIS B 67 9.39 -3.60 -14.13
N THR B 68 10.30 -2.93 -14.85
CA THR B 68 11.11 -3.60 -15.86
C THR B 68 12.46 -2.88 -15.97
N GLU B 69 13.47 -3.64 -16.36
CA GLU B 69 14.80 -3.07 -16.59
C GLU B 69 14.84 -2.42 -17.97
N PHE B 70 15.51 -1.27 -18.06
CA PHE B 70 15.59 -0.59 -19.35
C PHE B 70 16.73 0.41 -19.34
N THR B 71 17.18 0.77 -20.53
CA THR B 71 18.16 1.84 -20.70
C THR B 71 17.48 2.91 -21.54
N PRO B 72 17.17 4.08 -20.99
CA PRO B 72 16.45 5.09 -21.78
C PRO B 72 17.29 5.60 -22.93
N THR B 73 16.60 5.98 -24.01
CA THR B 73 17.24 6.53 -25.19
C THR B 73 16.44 7.73 -25.68
N GLU B 74 17.01 8.42 -26.67
CA GLU B 74 16.31 9.51 -27.34
C GLU B 74 15.16 9.02 -28.21
N THR B 75 15.16 7.75 -28.61
CA THR B 75 14.24 7.30 -29.64
C THR B 75 13.14 6.36 -29.15
N ASP B 76 13.22 5.85 -27.93
CA ASP B 76 12.26 4.84 -27.46
C ASP B 76 11.18 5.48 -26.60
N THR B 77 9.94 5.01 -26.78
CA THR B 77 8.79 5.49 -26.04
C THR B 77 8.28 4.39 -25.13
N TYR B 78 8.04 4.72 -23.87
CA TYR B 78 7.56 3.77 -22.88
C TYR B 78 6.21 4.18 -22.34
N ALA B 79 5.38 3.18 -22.02
CA ALA B 79 4.05 3.47 -21.49
C ALA B 79 3.61 2.31 -20.62
N CYS B 80 2.57 2.58 -19.83
CA CYS B 80 1.89 1.57 -19.03
C CYS B 80 0.41 1.58 -19.41
N ARG B 81 -0.14 0.40 -19.72
CA ARG B 81 -1.54 0.27 -20.11
C ARG B 81 -2.29 -0.52 -19.04
N VAL B 82 -3.37 0.06 -18.53
CA VAL B 82 -4.10 -0.47 -17.38
C VAL B 82 -5.56 -0.71 -17.76
N LYS B 83 -6.05 -1.92 -17.55
CA LYS B 83 -7.45 -2.26 -17.76
C LYS B 83 -8.09 -2.60 -16.43
N HIS B 84 -9.17 -1.87 -16.10
CA HIS B 84 -9.90 -2.06 -14.86
C HIS B 84 -11.39 -1.86 -15.12
N ALA B 85 -12.22 -2.60 -14.38
CA ALA B 85 -13.66 -2.56 -14.61
C ALA B 85 -14.25 -1.17 -14.45
N SER B 86 -13.60 -0.30 -13.68
CA SER B 86 -14.10 1.06 -13.51
C SER B 86 -13.94 1.91 -14.76
N MET B 87 -13.27 1.39 -15.80
CA MET B 87 -12.99 2.14 -17.02
C MET B 87 -13.51 1.37 -18.22
N ALA B 88 -14.16 2.09 -19.14
CA ALA B 88 -14.72 1.46 -20.33
C ALA B 88 -13.64 0.76 -21.15
N GLU B 89 -12.50 1.41 -21.33
CA GLU B 89 -11.41 0.90 -22.15
C GLU B 89 -10.10 1.06 -21.42
N PRO B 90 -9.09 0.24 -21.77
CA PRO B 90 -7.78 0.36 -21.11
C PRO B 90 -7.20 1.75 -21.29
N LYS B 91 -6.45 2.18 -20.28
CA LYS B 91 -5.83 3.50 -20.26
C LYS B 91 -4.33 3.37 -20.45
N THR B 92 -3.79 4.08 -21.43
CA THR B 92 -2.36 4.07 -21.71
C THR B 92 -1.74 5.37 -21.21
N VAL B 93 -0.73 5.26 -20.35
CA VAL B 93 -0.07 6.41 -19.76
C VAL B 93 1.40 6.38 -20.19
N TYR B 94 1.84 7.44 -20.87
CA TYR B 94 3.23 7.51 -21.33
C TYR B 94 4.16 8.04 -20.23
N TRP B 95 5.39 7.53 -20.25
CA TRP B 95 6.43 8.01 -19.36
C TRP B 95 6.74 9.47 -19.67
N ASP B 96 6.64 10.31 -18.65
CA ASP B 96 7.04 11.71 -18.72
C ASP B 96 8.23 11.87 -17.79
N ARG B 97 9.39 12.17 -18.36
CA ARG B 97 10.63 12.15 -17.58
C ARG B 97 10.65 13.21 -16.47
N ASP B 98 9.72 14.17 -16.47
CA ASP B 98 9.71 15.21 -15.46
C ASP B 98 8.70 14.97 -14.36
N MET B 99 8.12 13.76 -14.29
CA MET B 99 7.00 13.53 -13.38
C MET B 99 7.16 12.31 -12.48
N ARG C 1 4.14 -13.22 13.29
CA ARG C 1 3.14 -14.18 12.77
C ARG C 1 1.77 -13.52 12.69
N GLY C 2 0.93 -14.04 11.80
CA GLY C 2 -0.29 -13.36 11.42
C GLY C 2 -1.48 -13.72 12.29
N PRO C 3 -2.59 -13.05 12.05
CA PRO C 3 -3.78 -13.26 12.88
C PRO C 3 -4.58 -14.47 12.42
N GLY C 4 -5.25 -15.11 13.37
CA GLY C 4 -6.07 -16.28 13.10
C GLY C 4 -7.54 -15.98 13.36
N CYS C 5 -8.38 -16.36 12.39
CA CYS C 5 -9.83 -16.21 12.55
C CYS C 5 -10.37 -17.09 13.66
N ALA C 6 -9.77 -18.26 13.87
CA ALA C 6 -10.22 -19.23 14.88
C ALA C 6 -11.70 -19.58 14.68
N PHE C 7 -12.14 -19.55 13.41
CA PHE C 7 -13.51 -19.88 13.01
C PHE C 7 -14.55 -19.02 13.71
N VAL C 8 -14.16 -17.79 14.02
CA VAL C 8 -15.06 -16.73 14.43
C VAL C 8 -15.47 -15.99 13.15
N THR C 9 -16.72 -16.15 12.75
CA THR C 9 -17.23 -15.62 11.49
C THR C 9 -18.17 -14.46 11.75
N ILE C 10 -18.43 -13.68 10.71
CA ILE C 10 -19.26 -12.49 10.86
C ILE C 10 -20.72 -12.85 11.11
C1 EDO D . 13.28 -5.12 18.28
O1 EDO D . 14.11 -6.27 18.46
C2 EDO D . 12.81 -4.54 19.61
O2 EDO D . 11.88 -3.49 19.35
C1 EDO E . 0.97 20.97 -2.61
O1 EDO E . 1.67 21.57 -3.68
C2 EDO E . 1.77 21.30 -1.37
O2 EDO E . 1.86 22.69 -1.17
C1 EDO F . -13.01 -11.85 13.97
O1 EDO F . -11.72 -12.35 13.93
C2 EDO F . -13.42 -11.73 15.43
O2 EDO F . -12.82 -10.65 16.07
C1 EDO G . -4.26 -7.99 -1.28
O1 EDO G . -4.51 -9.07 -2.18
C2 EDO G . -3.57 -8.54 -0.03
O2 EDO G . -4.59 -8.94 0.88
C1 EDO H . 13.72 9.78 -10.80
O1 EDO H . 14.55 10.72 -10.12
C2 EDO H . 12.29 9.91 -10.28
O2 EDO H . 11.44 9.07 -11.05
C1 EDO I . 3.70 9.81 -16.41
O1 EDO I . 5.12 9.82 -16.29
C2 EDO I . 3.04 10.25 -15.11
O2 EDO I . 3.39 9.34 -14.05
#